data_1DNS
# 
_entry.id   1DNS 
# 
_audit_conform.dict_name       mmcif_pdbx.dic 
_audit_conform.dict_version    5.385 
_audit_conform.dict_location   http://mmcif.pdb.org/dictionaries/ascii/mmcif_pdbx.dic 
# 
loop_
_database_2.database_id 
_database_2.database_code 
_database_2.pdbx_database_accession 
_database_2.pdbx_DOI 
PDB   1DNS         pdb_00001dns 10.2210/pdb1dns/pdb 
RCSB  ADH014       ?            ?                   
WWPDB D_1000172864 ?            ?                   
# 
loop_
_pdbx_audit_revision_history.ordinal 
_pdbx_audit_revision_history.data_content_type 
_pdbx_audit_revision_history.major_revision 
_pdbx_audit_revision_history.minor_revision 
_pdbx_audit_revision_history.revision_date 
1 'Structure model' 1 0 1990-04-15 
2 'Structure model' 1 1 2008-05-22 
3 'Structure model' 1 2 2011-07-13 
4 'Structure model' 1 3 2024-02-07 
# 
_pdbx_audit_revision_details.ordinal             1 
_pdbx_audit_revision_details.revision_ordinal    1 
_pdbx_audit_revision_details.data_content_type   'Structure model' 
_pdbx_audit_revision_details.provider            repository 
_pdbx_audit_revision_details.type                'Initial release' 
_pdbx_audit_revision_details.description         ? 
_pdbx_audit_revision_details.details             ? 
# 
loop_
_pdbx_audit_revision_group.ordinal 
_pdbx_audit_revision_group.revision_ordinal 
_pdbx_audit_revision_group.data_content_type 
_pdbx_audit_revision_group.group 
1 2 'Structure model' 'Version format compliance' 
2 3 'Structure model' 'Version format compliance' 
3 4 'Structure model' 'Data collection'           
4 4 'Structure model' 'Database references'       
5 4 'Structure model' 'Derived calculations'      
# 
loop_
_pdbx_audit_revision_category.ordinal 
_pdbx_audit_revision_category.revision_ordinal 
_pdbx_audit_revision_category.data_content_type 
_pdbx_audit_revision_category.category 
1 4 'Structure model' chem_comp_atom 
2 4 'Structure model' chem_comp_bond 
3 4 'Structure model' database_2     
4 4 'Structure model' struct_site    
# 
loop_
_pdbx_audit_revision_item.ordinal 
_pdbx_audit_revision_item.revision_ordinal 
_pdbx_audit_revision_item.data_content_type 
_pdbx_audit_revision_item.item 
1 4 'Structure model' '_database_2.pdbx_DOI'                
2 4 'Structure model' '_database_2.pdbx_database_accession' 
3 4 'Structure model' '_struct_site.pdbx_auth_asym_id'      
4 4 'Structure model' '_struct_site.pdbx_auth_comp_id'      
5 4 'Structure model' '_struct_site.pdbx_auth_seq_id'       
# 
_pdbx_database_status.status_code                     REL 
_pdbx_database_status.entry_id                        1DNS 
_pdbx_database_status.recvd_initial_deposition_date   1989-02-22 
_pdbx_database_status.deposit_site                    BNL 
_pdbx_database_status.process_site                    BNL 
_pdbx_database_status.SG_entry                        . 
_pdbx_database_status.pdb_format_compatible           Y 
_pdbx_database_status.status_code_mr                  ? 
_pdbx_database_status.status_code_sf                  ? 
_pdbx_database_status.status_code_cs                  ? 
_pdbx_database_status.status_code_nmr_data            ? 
_pdbx_database_status.methods_development_category    ? 
# 
loop_
_audit_author.name 
_audit_author.pdbx_ordinal 
'Jain, S.C.'        1 
'Zon, G.'           2 
'Sundaralingam, M.' 3 
# 
loop_
_citation.id 
_citation.title 
_citation.journal_abbrev 
_citation.journal_volume 
_citation.page_first 
_citation.page_last 
_citation.year 
_citation.journal_id_ASTM 
_citation.country 
_citation.journal_id_ISSN 
_citation.journal_id_CSD 
_citation.book_publisher 
_citation.pdbx_database_id_PubMed 
_citation.pdbx_database_id_DOI 
primary 'Base only binding of spermine in the deep groove of the A-DNA octamer d(GTGTACAC).' Biochemistry 28  2360 2364 1989 
BICHAW US 0006-2960 0033 ? 2730868 10.1021/bi00432a002 
1       'The Potentially Z-DNA-Forming Sequence d(GTGTACAC) Crystallizes as A-DNA'           J.Mol.Biol.  197 141  145  1987 
JMOBAK UK 0022-2836 0070 ? ?       ?                   
# 
loop_
_citation_author.citation_id 
_citation_author.name 
_citation_author.ordinal 
_citation_author.identifier_ORCID 
primary 'Jain, S.'          1 ? 
primary 'Zon, G.'           2 ? 
primary 'Sundaralingam, M.' 3 ? 
1       'Jain, S.'          4 ? 
1       'Zon, G.'           5 ? 
1       'Sundaralingam, M.' 6 ? 
# 
loop_
_entity.id 
_entity.type 
_entity.src_method 
_entity.pdbx_description 
_entity.formula_weight 
_entity.pdbx_number_of_molecules 
_entity.pdbx_ec 
_entity.pdbx_mutation 
_entity.pdbx_fragment 
_entity.details 
1 polymer     syn 
;DNA (5'-D(*GP*TP*GP*TP*AP*CP*AP*C)-3')
;
2426.617 1 ? ? ? ? 
2 non-polymer syn SPERMINE                                 202.340  1 ? ? ? ? 
# 
_entity_poly.entity_id                      1 
_entity_poly.type                           polydeoxyribonucleotide 
_entity_poly.nstd_linkage                   no 
_entity_poly.nstd_monomer                   no 
_entity_poly.pdbx_seq_one_letter_code       '(DG)(DT)(DG)(DT)(DA)(DC)(DA)(DC)' 
_entity_poly.pdbx_seq_one_letter_code_can   GTGTACAC 
_entity_poly.pdbx_strand_id                 A 
_entity_poly.pdbx_target_identifier         ? 
# 
_pdbx_entity_nonpoly.entity_id   2 
_pdbx_entity_nonpoly.name        SPERMINE 
_pdbx_entity_nonpoly.comp_id     SPM 
# 
loop_
_entity_poly_seq.entity_id 
_entity_poly_seq.num 
_entity_poly_seq.mon_id 
_entity_poly_seq.hetero 
1 1 DG n 
1 2 DT n 
1 3 DG n 
1 4 DT n 
1 5 DA n 
1 6 DC n 
1 7 DA n 
1 8 DC n 
# 
loop_
_chem_comp.id 
_chem_comp.type 
_chem_comp.mon_nstd_flag 
_chem_comp.name 
_chem_comp.pdbx_synonyms 
_chem_comp.formula 
_chem_comp.formula_weight 
DA  'DNA linking' y "2'-DEOXYADENOSINE-5'-MONOPHOSPHATE" ? 'C10 H14 N5 O6 P' 331.222 
DC  'DNA linking' y "2'-DEOXYCYTIDINE-5'-MONOPHOSPHATE"  ? 'C9 H14 N3 O7 P'  307.197 
DG  'DNA linking' y "2'-DEOXYGUANOSINE-5'-MONOPHOSPHATE" ? 'C10 H14 N5 O7 P' 347.221 
DT  'DNA linking' y "THYMIDINE-5'-MONOPHOSPHATE"         ? 'C10 H15 N2 O8 P' 322.208 
SPM non-polymer   . SPERMINE                             ? 'C10 H26 N4'      202.340 
# 
loop_
_pdbx_poly_seq_scheme.asym_id 
_pdbx_poly_seq_scheme.entity_id 
_pdbx_poly_seq_scheme.seq_id 
_pdbx_poly_seq_scheme.mon_id 
_pdbx_poly_seq_scheme.ndb_seq_num 
_pdbx_poly_seq_scheme.pdb_seq_num 
_pdbx_poly_seq_scheme.auth_seq_num 
_pdbx_poly_seq_scheme.pdb_mon_id 
_pdbx_poly_seq_scheme.auth_mon_id 
_pdbx_poly_seq_scheme.pdb_strand_id 
_pdbx_poly_seq_scheme.pdb_ins_code 
_pdbx_poly_seq_scheme.hetero 
A 1 1 DG 1 1 1 DG G A . n 
A 1 2 DT 2 2 2 DT T A . n 
A 1 3 DG 3 3 3 DG G A . n 
A 1 4 DT 4 4 4 DT T A . n 
A 1 5 DA 5 5 5 DA A A . n 
A 1 6 DC 6 6 6 DC C A . n 
A 1 7 DA 7 7 7 DA A A . n 
A 1 8 DC 8 8 8 DC C A . n 
# 
_pdbx_nonpoly_scheme.asym_id         B 
_pdbx_nonpoly_scheme.entity_id       2 
_pdbx_nonpoly_scheme.mon_id          SPM 
_pdbx_nonpoly_scheme.ndb_seq_num     1 
_pdbx_nonpoly_scheme.pdb_seq_num     9 
_pdbx_nonpoly_scheme.auth_seq_num    9 
_pdbx_nonpoly_scheme.pdb_mon_id      SPM 
_pdbx_nonpoly_scheme.auth_mon_id     SPM 
_pdbx_nonpoly_scheme.pdb_strand_id   A 
_pdbx_nonpoly_scheme.pdb_ins_code    . 
# 
loop_
_pdbx_unobs_or_zero_occ_atoms.id 
_pdbx_unobs_or_zero_occ_atoms.PDB_model_num 
_pdbx_unobs_or_zero_occ_atoms.polymer_flag 
_pdbx_unobs_or_zero_occ_atoms.occupancy_flag 
_pdbx_unobs_or_zero_occ_atoms.auth_asym_id 
_pdbx_unobs_or_zero_occ_atoms.auth_comp_id 
_pdbx_unobs_or_zero_occ_atoms.auth_seq_id 
_pdbx_unobs_or_zero_occ_atoms.PDB_ins_code 
_pdbx_unobs_or_zero_occ_atoms.auth_atom_id 
_pdbx_unobs_or_zero_occ_atoms.label_alt_id 
_pdbx_unobs_or_zero_occ_atoms.label_asym_id 
_pdbx_unobs_or_zero_occ_atoms.label_comp_id 
_pdbx_unobs_or_zero_occ_atoms.label_seq_id 
_pdbx_unobs_or_zero_occ_atoms.label_atom_id 
1 1 N 1 A SPM 9 ? C8  ? B SPM 1 C8  
2 1 N 1 A SPM 9 ? C9  ? B SPM 1 C9  
3 1 N 1 A SPM 9 ? N10 ? B SPM 1 N10 
4 1 N 1 A SPM 9 ? C11 ? B SPM 1 C11 
5 1 N 1 A SPM 9 ? C12 ? B SPM 1 C12 
6 1 N 1 A SPM 9 ? C13 ? B SPM 1 C13 
7 1 N 1 A SPM 9 ? N14 ? B SPM 1 N14 
# 
_software.name             NUCLSQ 
_software.classification   refinement 
_software.version          . 
_software.citation_id      ? 
_software.pdbx_ordinal     1 
# 
_cell.entry_id           1DNS 
_cell.length_a           42.430 
_cell.length_b           42.430 
_cell.length_c           24.750 
_cell.angle_alpha        90.00 
_cell.angle_beta         90.00 
_cell.angle_gamma        90.00 
_cell.Z_PDB              8 
_cell.pdbx_unique_axis   ? 
# 
_symmetry.entry_id                         1DNS 
_symmetry.space_group_name_H-M             'P 43 21 2' 
_symmetry.pdbx_full_space_group_name_H-M   ? 
_symmetry.cell_setting                     ? 
_symmetry.Int_Tables_number                96 
# 
_exptl.entry_id          1DNS 
_exptl.method            'X-RAY DIFFRACTION' 
_exptl.crystals_number   ? 
# 
_exptl_crystal.id                    1 
_exptl_crystal.density_meas          ? 
_exptl_crystal.density_Matthews      2.30 
_exptl_crystal.density_percent_sol   46.41 
_exptl_crystal.description           ? 
# 
_exptl_crystal_grow.crystal_id      1 
_exptl_crystal_grow.method          'VAPOR DIFFUSION' 
_exptl_crystal_grow.temp            ? 
_exptl_crystal_grow.temp_details    ? 
_exptl_crystal_grow.pH              ? 
_exptl_crystal_grow.pdbx_details    'VAPOR DIFFUSION' 
_exptl_crystal_grow.pdbx_pH_range   ? 
# 
loop_
_exptl_crystal_grow_comp.crystal_id 
_exptl_crystal_grow_comp.id 
_exptl_crystal_grow_comp.sol_id 
_exptl_crystal_grow_comp.name 
_exptl_crystal_grow_comp.volume 
_exptl_crystal_grow_comp.conc 
_exptl_crystal_grow_comp.details 
1 1 1 WATER    ? ? ? 
1 2 1 MPD      ? ? ? 
1 3 1 MGCL2    ? ? ? 
1 4 1 SPERMINE ? ? ? 
1 5 2 WATER    ? ? ? 
1 6 2 MPD      ? ? ? 
# 
_diffrn.id                     1 
_diffrn.ambient_temp           277.00 
_diffrn.ambient_temp_details   ? 
_diffrn.crystal_id             1 
# 
_diffrn_detector.diffrn_id              1 
_diffrn_detector.detector               'OSCILLATION CAMERA' 
_diffrn_detector.type                   ? 
_diffrn_detector.pdbx_collection_date   ? 
_diffrn_detector.details                ? 
# 
_diffrn_radiation.diffrn_id                        1 
_diffrn_radiation.wavelength_id                    1 
_diffrn_radiation.pdbx_monochromatic_or_laue_m_l   ? 
_diffrn_radiation.monochromator                    ? 
_diffrn_radiation.pdbx_diffrn_protocol             ? 
_diffrn_radiation.pdbx_scattering_type             x-ray 
# 
_diffrn_radiation_wavelength.id           1 
_diffrn_radiation_wavelength.wavelength   . 
_diffrn_radiation_wavelength.wt           1.0 
# 
_diffrn_source.diffrn_id                   1 
_diffrn_source.source                      'ROTATING ANODE' 
_diffrn_source.type                        'ELLIOTT GX-6' 
_diffrn_source.pdbx_synchrotron_site       ? 
_diffrn_source.pdbx_synchrotron_beamline   ? 
_diffrn_source.pdbx_wavelength             ? 
_diffrn_source.pdbx_wavelength_list        ? 
# 
_reflns.entry_id                     1DNS 
_reflns.observed_criterion_sigma_I   3.000 
_reflns.observed_criterion_sigma_F   ? 
_reflns.d_resolution_low             ? 
_reflns.d_resolution_high            2.000 
_reflns.number_obs                   1365 
_reflns.number_all                   ? 
_reflns.percent_possible_obs         ? 
_reflns.pdbx_Rmerge_I_obs            ? 
_reflns.pdbx_Rsym_value              ? 
_reflns.pdbx_netI_over_sigmaI        ? 
_reflns.B_iso_Wilson_estimate        ? 
_reflns.pdbx_redundancy              ? 
_reflns.pdbx_diffrn_id               1 
_reflns.pdbx_ordinal                 1 
# 
_refine.entry_id                                 1DNS 
_refine.ls_number_reflns_obs                     1214 
_refine.ls_number_reflns_all                     ? 
_refine.pdbx_ls_sigma_I                          ? 
_refine.pdbx_ls_sigma_F                          ? 
_refine.pdbx_data_cutoff_high_absF               ? 
_refine.pdbx_data_cutoff_low_absF                ? 
_refine.pdbx_data_cutoff_high_rms_absF           ? 
_refine.ls_d_res_low                             5.000 
_refine.ls_d_res_high                            2.000 
_refine.ls_percent_reflns_obs                    ? 
_refine.ls_R_factor_obs                          0.1150000 
_refine.ls_R_factor_all                          ? 
_refine.ls_R_factor_R_work                       ? 
_refine.ls_R_factor_R_free                       ? 
_refine.ls_R_factor_R_free_error                 ? 
_refine.ls_R_factor_R_free_error_details         ? 
_refine.ls_percent_reflns_R_free                 ? 
_refine.ls_number_reflns_R_free                  ? 
_refine.ls_number_parameters                     ? 
_refine.ls_number_restraints                     ? 
_refine.occupancy_min                            ? 
_refine.occupancy_max                            ? 
_refine.B_iso_mean                               ? 
_refine.aniso_B[1][1]                            ? 
_refine.aniso_B[2][2]                            ? 
_refine.aniso_B[3][3]                            ? 
_refine.aniso_B[1][2]                            ? 
_refine.aniso_B[1][3]                            ? 
_refine.aniso_B[2][3]                            ? 
_refine.solvent_model_details                    ? 
_refine.solvent_model_param_ksol                 ? 
_refine.solvent_model_param_bsol                 ? 
_refine.pdbx_ls_cross_valid_method               ? 
_refine.details                                  ? 
_refine.pdbx_starting_model                      ? 
_refine.pdbx_method_to_determine_struct          ? 
_refine.pdbx_isotropic_thermal_model             ? 
_refine.pdbx_stereochemistry_target_values       ? 
_refine.pdbx_stereochem_target_val_spec_case     ? 
_refine.pdbx_R_Free_selection_details            ? 
_refine.pdbx_overall_ESU_R                       ? 
_refine.pdbx_overall_ESU_R_Free                  ? 
_refine.overall_SU_ML                            ? 
_refine.overall_SU_B                             ? 
_refine.pdbx_refine_id                           'X-RAY DIFFRACTION' 
_refine.pdbx_diffrn_id                           1 
_refine.pdbx_TLS_residual_ADP_flag               ? 
_refine.correlation_coeff_Fo_to_Fc               ? 
_refine.correlation_coeff_Fo_to_Fc_free          ? 
_refine.pdbx_solvent_vdw_probe_radii             ? 
_refine.pdbx_solvent_ion_probe_radii             ? 
_refine.pdbx_solvent_shrinkage_radii             ? 
_refine.pdbx_overall_phase_error                 ? 
_refine.overall_SU_R_Cruickshank_DPI             ? 
_refine.pdbx_overall_SU_R_free_Cruickshank_DPI   ? 
_refine.pdbx_overall_SU_R_Blow_DPI               ? 
_refine.pdbx_overall_SU_R_free_Blow_DPI          ? 
# 
_refine_hist.pdbx_refine_id                   'X-RAY DIFFRACTION' 
_refine_hist.cycle_id                         LAST 
_refine_hist.pdbx_number_atoms_protein        0 
_refine_hist.pdbx_number_atoms_nucleic_acid   161 
_refine_hist.pdbx_number_atoms_ligand         7 
_refine_hist.number_atoms_solvent             0 
_refine_hist.number_atoms_total               168 
_refine_hist.d_res_high                       2.000 
_refine_hist.d_res_low                        5.000 
# 
loop_
_refine_ls_restr.type 
_refine_ls_restr.dev_ideal 
_refine_ls_restr.dev_ideal_target 
_refine_ls_restr.weight 
_refine_ls_restr.number 
_refine_ls_restr.pdbx_refine_id 
_refine_ls_restr.pdbx_restraint_function 
n_bond_d               0.010 ? ? ? 'X-RAY DIFFRACTION' ? 
n_angle_d              ?     ? ? ? 'X-RAY DIFFRACTION' ? 
n_planar_d             ?     ? ? ? 'X-RAY DIFFRACTION' ? 
n_hb_or_metal_coord    ?     ? ? ? 'X-RAY DIFFRACTION' ? 
n_sugar_bond_it        ?     ? ? ? 'X-RAY DIFFRACTION' ? 
n_sugar_angle_it       ?     ? ? ? 'X-RAY DIFFRACTION' ? 
n_phos_bond_it         ?     ? ? ? 'X-RAY DIFFRACTION' ? 
n_phos_angle_it        ?     ? ? ? 'X-RAY DIFFRACTION' ? 
n_bond_angle_restr     ?     ? ? ? 'X-RAY DIFFRACTION' ? 
n_dihedral_angle_restr ?     ? ? ? 'X-RAY DIFFRACTION' ? 
n_impr_tor             ?     ? ? ? 'X-RAY DIFFRACTION' ? 
n_sugar_bond_d         ?     ? ? ? 'X-RAY DIFFRACTION' ? 
n_sugar_bond_angle_d   ?     ? ? ? 'X-RAY DIFFRACTION' ? 
n_phos_bond_d          ?     ? ? ? 'X-RAY DIFFRACTION' ? 
n_phos_bond_angle_d    ?     ? ? ? 'X-RAY DIFFRACTION' ? 
n_plane_restr          ?     ? ? ? 'X-RAY DIFFRACTION' ? 
n_chiral_restr         ?     ? ? ? 'X-RAY DIFFRACTION' ? 
n_singtor_nbd          ?     ? ? ? 'X-RAY DIFFRACTION' ? 
n_multtor_nbd          ?     ? ? ? 'X-RAY DIFFRACTION' ? 
n_xhyhbond_nbd         ?     ? ? ? 'X-RAY DIFFRACTION' ? 
# 
_struct.entry_id                  1DNS 
_struct.title                     'BASE ONLY BINDING OF SPERMINE IN THE DEEP GROOVE OF THE A-DNA OCTAMER D(GTGTACAC)' 
_struct.pdbx_model_details        ? 
_struct.pdbx_CASP_flag            ? 
_struct.pdbx_model_type_details   ? 
# 
_struct_keywords.entry_id        1DNS 
_struct_keywords.pdbx_keywords   DNA 
_struct_keywords.text            'A-DNA, DOUBLE HELIX, DNA' 
# 
loop_
_struct_asym.id 
_struct_asym.pdbx_blank_PDB_chainid_flag 
_struct_asym.pdbx_modified 
_struct_asym.entity_id 
_struct_asym.details 
A N N 1 ? 
B N N 2 ? 
# 
_struct_ref.id                         1 
_struct_ref.entity_id                  1 
_struct_ref.db_name                    PDB 
_struct_ref.db_code                    1DNS 
_struct_ref.pdbx_db_accession          1DNS 
_struct_ref.pdbx_db_isoform            ? 
_struct_ref.pdbx_seq_one_letter_code   ? 
_struct_ref.pdbx_align_begin           ? 
# 
_struct_ref_seq.align_id                      1 
_struct_ref_seq.ref_id                        1 
_struct_ref_seq.pdbx_PDB_id_code              1DNS 
_struct_ref_seq.pdbx_strand_id                A 
_struct_ref_seq.seq_align_beg                 1 
_struct_ref_seq.pdbx_seq_align_beg_ins_code   ? 
_struct_ref_seq.seq_align_end                 8 
_struct_ref_seq.pdbx_seq_align_end_ins_code   ? 
_struct_ref_seq.pdbx_db_accession             1DNS 
_struct_ref_seq.db_align_beg                  1 
_struct_ref_seq.pdbx_db_align_beg_ins_code    ? 
_struct_ref_seq.db_align_end                  8 
_struct_ref_seq.pdbx_db_align_end_ins_code    ? 
_struct_ref_seq.pdbx_auth_seq_align_beg       1 
_struct_ref_seq.pdbx_auth_seq_align_end       8 
# 
_pdbx_struct_assembly.id                   1 
_pdbx_struct_assembly.details              author_defined_assembly 
_pdbx_struct_assembly.method_details       ? 
_pdbx_struct_assembly.oligomeric_details   dimeric 
_pdbx_struct_assembly.oligomeric_count     2 
# 
_pdbx_struct_assembly_gen.assembly_id       1 
_pdbx_struct_assembly_gen.oper_expression   1,2 
_pdbx_struct_assembly_gen.asym_id_list      A,B 
# 
loop_
_pdbx_struct_oper_list.id 
_pdbx_struct_oper_list.type 
_pdbx_struct_oper_list.name 
_pdbx_struct_oper_list.symmetry_operation 
_pdbx_struct_oper_list.matrix[1][1] 
_pdbx_struct_oper_list.matrix[1][2] 
_pdbx_struct_oper_list.matrix[1][3] 
_pdbx_struct_oper_list.vector[1] 
_pdbx_struct_oper_list.matrix[2][1] 
_pdbx_struct_oper_list.matrix[2][2] 
_pdbx_struct_oper_list.matrix[2][3] 
_pdbx_struct_oper_list.vector[2] 
_pdbx_struct_oper_list.matrix[3][1] 
_pdbx_struct_oper_list.matrix[3][2] 
_pdbx_struct_oper_list.matrix[3][3] 
_pdbx_struct_oper_list.vector[3] 
1 'identity operation'         1_555 x,y,z  1.0000000000  0.0000000000 0.0000000000  0.0000000000  0.0000000000 1.0000000000 0.0000000000  0.0000000000 0.0000000000  0.0000000000  1.0000000000  0.0000000000  
2 'crystal symmetry operation' 7_555 y,x,-z -0.7856989962 0.5451770100 -0.2923339104 -4.1334672173 0.5451770100 0.3869182455 -0.7436909971 0.7651150282 -0.2923339104 -0.7436909971 -0.6012192493 -1.6032455828 
# 
_struct_biol.id   1 
# 
loop_
_struct_conn.id 
_struct_conn.conn_type_id 
_struct_conn.pdbx_leaving_atom_flag 
_struct_conn.pdbx_PDB_id 
_struct_conn.ptnr1_label_asym_id 
_struct_conn.ptnr1_label_comp_id 
_struct_conn.ptnr1_label_seq_id 
_struct_conn.ptnr1_label_atom_id 
_struct_conn.pdbx_ptnr1_label_alt_id 
_struct_conn.pdbx_ptnr1_PDB_ins_code 
_struct_conn.pdbx_ptnr1_standard_comp_id 
_struct_conn.ptnr1_symmetry 
_struct_conn.ptnr2_label_asym_id 
_struct_conn.ptnr2_label_comp_id 
_struct_conn.ptnr2_label_seq_id 
_struct_conn.ptnr2_label_atom_id 
_struct_conn.pdbx_ptnr2_label_alt_id 
_struct_conn.pdbx_ptnr2_PDB_ins_code 
_struct_conn.ptnr1_auth_asym_id 
_struct_conn.ptnr1_auth_comp_id 
_struct_conn.ptnr1_auth_seq_id 
_struct_conn.ptnr2_auth_asym_id 
_struct_conn.ptnr2_auth_comp_id 
_struct_conn.ptnr2_auth_seq_id 
_struct_conn.ptnr2_symmetry 
_struct_conn.pdbx_ptnr3_label_atom_id 
_struct_conn.pdbx_ptnr3_label_seq_id 
_struct_conn.pdbx_ptnr3_label_comp_id 
_struct_conn.pdbx_ptnr3_label_asym_id 
_struct_conn.pdbx_ptnr3_label_alt_id 
_struct_conn.pdbx_ptnr3_PDB_ins_code 
_struct_conn.details 
_struct_conn.pdbx_dist_value 
_struct_conn.pdbx_value_order 
_struct_conn.pdbx_role 
hydrog1  hydrog ? ? A DG 1 N1 ? ? ? 1_555 A DC 8 N3 ? ? A DG 1 A DC 8 7_555 ? ? ? ? ? ? WATSON-CRICK ? ? ? 
hydrog2  hydrog ? ? A DG 1 N2 ? ? ? 1_555 A DC 8 O2 ? ? A DG 1 A DC 8 7_555 ? ? ? ? ? ? WATSON-CRICK ? ? ? 
hydrog3  hydrog ? ? A DG 1 O6 ? ? ? 1_555 A DC 8 N4 ? ? A DG 1 A DC 8 7_555 ? ? ? ? ? ? WATSON-CRICK ? ? ? 
hydrog4  hydrog ? ? A DT 2 N3 ? ? ? 1_555 A DA 7 N1 ? ? A DT 2 A DA 7 7_555 ? ? ? ? ? ? WATSON-CRICK ? ? ? 
hydrog5  hydrog ? ? A DT 2 O4 ? ? ? 1_555 A DA 7 N6 ? ? A DT 2 A DA 7 7_555 ? ? ? ? ? ? WATSON-CRICK ? ? ? 
hydrog6  hydrog ? ? A DG 3 N1 ? ? ? 1_555 A DC 6 N3 ? ? A DG 3 A DC 6 7_555 ? ? ? ? ? ? WATSON-CRICK ? ? ? 
hydrog7  hydrog ? ? A DG 3 N2 ? ? ? 1_555 A DC 6 O2 ? ? A DG 3 A DC 6 7_555 ? ? ? ? ? ? WATSON-CRICK ? ? ? 
hydrog8  hydrog ? ? A DG 3 O6 ? ? ? 1_555 A DC 6 N4 ? ? A DG 3 A DC 6 7_555 ? ? ? ? ? ? WATSON-CRICK ? ? ? 
hydrog9  hydrog ? ? A DT 4 N3 ? ? ? 1_555 A DA 5 N1 ? ? A DT 4 A DA 5 7_555 ? ? ? ? ? ? WATSON-CRICK ? ? ? 
hydrog10 hydrog ? ? A DT 4 O4 ? ? ? 1_555 A DA 5 N6 ? ? A DT 4 A DA 5 7_555 ? ? ? ? ? ? WATSON-CRICK ? ? ? 
hydrog11 hydrog ? ? A DA 5 N1 ? ? ? 1_555 A DT 4 N3 ? ? A DA 5 A DT 4 7_555 ? ? ? ? ? ? WATSON-CRICK ? ? ? 
hydrog12 hydrog ? ? A DA 5 N6 ? ? ? 1_555 A DT 4 O4 ? ? A DA 5 A DT 4 7_555 ? ? ? ? ? ? WATSON-CRICK ? ? ? 
hydrog13 hydrog ? ? A DC 6 N3 ? ? ? 1_555 A DG 3 N1 ? ? A DC 6 A DG 3 7_555 ? ? ? ? ? ? WATSON-CRICK ? ? ? 
hydrog14 hydrog ? ? A DC 6 N4 ? ? ? 1_555 A DG 3 O6 ? ? A DC 6 A DG 3 7_555 ? ? ? ? ? ? WATSON-CRICK ? ? ? 
hydrog15 hydrog ? ? A DC 6 O2 ? ? ? 1_555 A DG 3 N2 ? ? A DC 6 A DG 3 7_555 ? ? ? ? ? ? WATSON-CRICK ? ? ? 
hydrog16 hydrog ? ? A DA 7 N1 ? ? ? 1_555 A DT 2 N3 ? ? A DA 7 A DT 2 7_555 ? ? ? ? ? ? WATSON-CRICK ? ? ? 
hydrog17 hydrog ? ? A DA 7 N6 ? ? ? 1_555 A DT 2 O4 ? ? A DA 7 A DT 2 7_555 ? ? ? ? ? ? WATSON-CRICK ? ? ? 
hydrog18 hydrog ? ? A DC 8 N3 ? ? ? 1_555 A DG 1 N1 ? ? A DC 8 A DG 1 7_555 ? ? ? ? ? ? WATSON-CRICK ? ? ? 
hydrog19 hydrog ? ? A DC 8 N4 ? ? ? 1_555 A DG 1 O6 ? ? A DC 8 A DG 1 7_555 ? ? ? ? ? ? WATSON-CRICK ? ? ? 
hydrog20 hydrog ? ? A DC 8 O2 ? ? ? 1_555 A DG 1 N2 ? ? A DC 8 A DG 1 7_555 ? ? ? ? ? ? WATSON-CRICK ? ? ? 
# 
_struct_conn_type.id          hydrog 
_struct_conn_type.criteria    ? 
_struct_conn_type.reference   ? 
# 
_struct_site.id                   AC1 
_struct_site.pdbx_evidence_code   Software 
_struct_site.pdbx_auth_asym_id    A 
_struct_site.pdbx_auth_comp_id    SPM 
_struct_site.pdbx_auth_seq_id     9 
_struct_site.pdbx_auth_ins_code   ? 
_struct_site.pdbx_num_residues    4 
_struct_site.details              'BINDING SITE FOR RESIDUE SPM A 9' 
# 
loop_
_struct_site_gen.id 
_struct_site_gen.site_id 
_struct_site_gen.pdbx_num_res 
_struct_site_gen.label_comp_id 
_struct_site_gen.label_asym_id 
_struct_site_gen.label_seq_id 
_struct_site_gen.pdbx_auth_ins_code 
_struct_site_gen.auth_comp_id 
_struct_site_gen.auth_asym_id 
_struct_site_gen.auth_seq_id 
_struct_site_gen.label_atom_id 
_struct_site_gen.label_alt_id 
_struct_site_gen.symmetry 
_struct_site_gen.details 
1 AC1 4 DT A 2 ? DT A 2 . ? 1_555 ? 
2 AC1 4 DG A 3 ? DG A 3 . ? 1_555 ? 
3 AC1 4 DT A 4 ? DT A 4 . ? 1_555 ? 
4 AC1 4 DC A 6 ? DC A 6 . ? 7_555 ? 
# 
_pdbx_validate_symm_contact.id                1 
_pdbx_validate_symm_contact.PDB_model_num     1 
_pdbx_validate_symm_contact.auth_atom_id_1    C7 
_pdbx_validate_symm_contact.auth_asym_id_1    A 
_pdbx_validate_symm_contact.auth_comp_id_1    SPM 
_pdbx_validate_symm_contact.auth_seq_id_1     9 
_pdbx_validate_symm_contact.PDB_ins_code_1    ? 
_pdbx_validate_symm_contact.label_alt_id_1    ? 
_pdbx_validate_symm_contact.site_symmetry_1   1_555 
_pdbx_validate_symm_contact.auth_atom_id_2    C7 
_pdbx_validate_symm_contact.auth_asym_id_2    A 
_pdbx_validate_symm_contact.auth_comp_id_2    SPM 
_pdbx_validate_symm_contact.auth_seq_id_2     9 
_pdbx_validate_symm_contact.PDB_ins_code_2    ? 
_pdbx_validate_symm_contact.label_alt_id_2    ? 
_pdbx_validate_symm_contact.site_symmetry_2   7_555 
_pdbx_validate_symm_contact.dist              1.55 
# 
loop_
_pdbx_validate_rmsd_bond.id 
_pdbx_validate_rmsd_bond.PDB_model_num 
_pdbx_validate_rmsd_bond.auth_atom_id_1 
_pdbx_validate_rmsd_bond.auth_asym_id_1 
_pdbx_validate_rmsd_bond.auth_comp_id_1 
_pdbx_validate_rmsd_bond.auth_seq_id_1 
_pdbx_validate_rmsd_bond.PDB_ins_code_1 
_pdbx_validate_rmsd_bond.label_alt_id_1 
_pdbx_validate_rmsd_bond.auth_atom_id_2 
_pdbx_validate_rmsd_bond.auth_asym_id_2 
_pdbx_validate_rmsd_bond.auth_comp_id_2 
_pdbx_validate_rmsd_bond.auth_seq_id_2 
_pdbx_validate_rmsd_bond.PDB_ins_code_2 
_pdbx_validate_rmsd_bond.label_alt_id_2 
_pdbx_validate_rmsd_bond.bond_value 
_pdbx_validate_rmsd_bond.bond_target_value 
_pdbx_validate_rmsd_bond.bond_deviation 
_pdbx_validate_rmsd_bond.bond_standard_deviation 
_pdbx_validate_rmsd_bond.linker_flag 
1 1 P A DT 4 ? ? OP2   A DT 4 ? ? 1.380 1.485 -0.105 0.017 N 
2 1 P A DA 7 ? ? "O5'" A DA 7 ? ? 1.705 1.593 0.112  0.010 N 
3 1 P A DC 8 ? ? "O5'" A DC 8 ? ? 1.522 1.593 -0.071 0.010 N 
# 
loop_
_pdbx_validate_rmsd_angle.id 
_pdbx_validate_rmsd_angle.PDB_model_num 
_pdbx_validate_rmsd_angle.auth_atom_id_1 
_pdbx_validate_rmsd_angle.auth_asym_id_1 
_pdbx_validate_rmsd_angle.auth_comp_id_1 
_pdbx_validate_rmsd_angle.auth_seq_id_1 
_pdbx_validate_rmsd_angle.PDB_ins_code_1 
_pdbx_validate_rmsd_angle.label_alt_id_1 
_pdbx_validate_rmsd_angle.auth_atom_id_2 
_pdbx_validate_rmsd_angle.auth_asym_id_2 
_pdbx_validate_rmsd_angle.auth_comp_id_2 
_pdbx_validate_rmsd_angle.auth_seq_id_2 
_pdbx_validate_rmsd_angle.PDB_ins_code_2 
_pdbx_validate_rmsd_angle.label_alt_id_2 
_pdbx_validate_rmsd_angle.auth_atom_id_3 
_pdbx_validate_rmsd_angle.auth_asym_id_3 
_pdbx_validate_rmsd_angle.auth_comp_id_3 
_pdbx_validate_rmsd_angle.auth_seq_id_3 
_pdbx_validate_rmsd_angle.PDB_ins_code_3 
_pdbx_validate_rmsd_angle.label_alt_id_3 
_pdbx_validate_rmsd_angle.angle_value 
_pdbx_validate_rmsd_angle.angle_target_value 
_pdbx_validate_rmsd_angle.angle_deviation 
_pdbx_validate_rmsd_angle.angle_standard_deviation 
_pdbx_validate_rmsd_angle.linker_flag 
1  1 C5    A DG 1 ? ? C6    A DG 1 ? ? N1    A DG 1 ? ? 114.78 111.50 3.28   0.50 N 
2  1 C5    A DG 1 ? ? C6    A DG 1 ? ? O6    A DG 1 ? ? 124.19 128.60 -4.41  0.60 N 
3  1 "C3'" A DG 1 ? ? "O3'" A DG 1 ? ? P     A DT 2 ? ? 127.26 119.70 7.56   1.20 Y 
4  1 OP1   A DT 2 ? ? P     A DT 2 ? ? OP2   A DT 2 ? ? 106.35 119.60 -13.25 1.50 N 
5  1 "O5'" A DT 2 ? ? P     A DT 2 ? ? OP1   A DT 2 ? ? 123.23 110.70 12.53  1.20 N 
6  1 "O4'" A DT 2 ? ? "C1'" A DT 2 ? ? N1    A DT 2 ? ? 111.44 108.30 3.14   0.30 N 
7  1 N1    A DT 2 ? ? C2    A DT 2 ? ? N3    A DT 2 ? ? 118.24 114.60 3.64   0.60 N 
8  1 C2    A DT 2 ? ? N3    A DT 2 ? ? C4    A DT 2 ? ? 121.71 127.20 -5.49  0.60 N 
9  1 N3    A DT 2 ? ? C4    A DT 2 ? ? C5    A DT 2 ? ? 119.00 115.20 3.80   0.60 N 
10 1 "O4'" A DG 3 ? ? "C1'" A DG 3 ? ? N9    A DG 3 ? ? 112.25 108.30 3.95   0.30 N 
11 1 N3    A DG 3 ? ? C2    A DG 3 ? ? N2    A DG 3 ? ? 113.38 119.90 -6.52  0.70 N 
12 1 "C3'" A DG 3 ? ? "O3'" A DG 3 ? ? P     A DT 4 ? ? 129.34 119.70 9.64   1.20 Y 
13 1 "O5'" A DT 4 ? ? P     A DT 4 ? ? OP1   A DT 4 ? ? 98.45  105.70 -7.25  0.90 N 
14 1 "O5'" A DT 4 ? ? P     A DT 4 ? ? OP2   A DT 4 ? ? 126.24 110.70 15.54  1.20 N 
15 1 "O5'" A DT 4 ? ? "C5'" A DT 4 ? ? "C4'" A DT 4 ? ? 103.77 109.40 -5.63  0.80 N 
16 1 N1    A DT 4 ? ? C2    A DT 4 ? ? N3    A DT 4 ? ? 119.06 114.60 4.46   0.60 N 
17 1 C2    A DT 4 ? ? N3    A DT 4 ? ? C4    A DT 4 ? ? 121.08 127.20 -6.12  0.60 N 
18 1 N3    A DT 4 ? ? C4    A DT 4 ? ? C5    A DT 4 ? ? 119.69 115.20 4.49   0.60 N 
19 1 N1    A DT 4 ? ? C2    A DT 4 ? ? O2    A DT 4 ? ? 117.94 123.10 -5.16  0.80 N 
20 1 C5    A DT 4 ? ? C4    A DT 4 ? ? O4    A DT 4 ? ? 118.27 124.90 -6.63  0.70 N 
21 1 "O3'" A DT 4 ? ? P     A DA 5 ? ? OP2   A DA 5 ? ? 121.84 110.50 11.34  1.10 Y 
22 1 N1    A DA 5 ? ? C2    A DA 5 ? ? N3    A DA 5 ? ? 125.96 129.30 -3.34  0.50 N 
23 1 "O3'" A DC 6 ? ? P     A DA 7 ? ? OP2   A DA 7 ? ? 117.94 110.50 7.44   1.10 Y 
24 1 "O5'" A DA 7 ? ? P     A DA 7 ? ? OP2   A DA 7 ? ? 99.78  105.70 -5.92  0.90 N 
25 1 "O5'" A DA 7 ? ? "C5'" A DA 7 ? ? "C4'" A DA 7 ? ? 103.46 109.40 -5.94  0.80 N 
26 1 C6    A DA 7 ? ? N1    A DA 7 ? ? C2    A DA 7 ? ? 122.68 118.60 4.08   0.60 N 
27 1 N1    A DA 7 ? ? C2    A DA 7 ? ? N3    A DA 7 ? ? 125.57 129.30 -3.73  0.50 N 
28 1 C5    A DA 7 ? ? C6    A DA 7 ? ? N1    A DA 7 ? ? 114.28 117.70 -3.42  0.50 N 
29 1 "O5'" A DC 8 ? ? P     A DC 8 ? ? OP2   A DC 8 ? ? 120.74 110.70 10.04  1.20 N 
30 1 "O4'" A DC 8 ? ? "C1'" A DC 8 ? ? N1    A DC 8 ? ? 112.11 108.30 3.81   0.30 N 
31 1 N3    A DC 8 ? ? C4    A DC 8 ? ? C5    A DC 8 ? ? 118.71 121.90 -3.19  0.40 N 
# 
loop_
_refine_B_iso.class 
_refine_B_iso.details 
_refine_B_iso.treatment 
_refine_B_iso.pdbx_refine_id 
'ATOMS OF ONE STRAND' TR isotropic 'X-RAY DIFFRACTION' 
'HALF SPERMINE'       TR isotropic 'X-RAY DIFFRACTION' 
# 
loop_
_refine_occupancy.class 
_refine_occupancy.treatment 
_refine_occupancy.pdbx_refine_id 
'ATOMS OF ONE STRAND' fix 'X-RAY DIFFRACTION' 
'HALF SPERMINE'       fix 'X-RAY DIFFRACTION' 
# 
loop_
_chem_comp_atom.comp_id 
_chem_comp_atom.atom_id 
_chem_comp_atom.type_symbol 
_chem_comp_atom.pdbx_aromatic_flag 
_chem_comp_atom.pdbx_stereo_config 
_chem_comp_atom.pdbx_ordinal 
DA  OP3    O N N 1   
DA  P      P N N 2   
DA  OP1    O N N 3   
DA  OP2    O N N 4   
DA  "O5'"  O N N 5   
DA  "C5'"  C N N 6   
DA  "C4'"  C N R 7   
DA  "O4'"  O N N 8   
DA  "C3'"  C N S 9   
DA  "O3'"  O N N 10  
DA  "C2'"  C N N 11  
DA  "C1'"  C N R 12  
DA  N9     N Y N 13  
DA  C8     C Y N 14  
DA  N7     N Y N 15  
DA  C5     C Y N 16  
DA  C6     C Y N 17  
DA  N6     N N N 18  
DA  N1     N Y N 19  
DA  C2     C Y N 20  
DA  N3     N Y N 21  
DA  C4     C Y N 22  
DA  HOP3   H N N 23  
DA  HOP2   H N N 24  
DA  "H5'"  H N N 25  
DA  "H5''" H N N 26  
DA  "H4'"  H N N 27  
DA  "H3'"  H N N 28  
DA  "HO3'" H N N 29  
DA  "H2'"  H N N 30  
DA  "H2''" H N N 31  
DA  "H1'"  H N N 32  
DA  H8     H N N 33  
DA  H61    H N N 34  
DA  H62    H N N 35  
DA  H2     H N N 36  
DC  OP3    O N N 37  
DC  P      P N N 38  
DC  OP1    O N N 39  
DC  OP2    O N N 40  
DC  "O5'"  O N N 41  
DC  "C5'"  C N N 42  
DC  "C4'"  C N R 43  
DC  "O4'"  O N N 44  
DC  "C3'"  C N S 45  
DC  "O3'"  O N N 46  
DC  "C2'"  C N N 47  
DC  "C1'"  C N R 48  
DC  N1     N N N 49  
DC  C2     C N N 50  
DC  O2     O N N 51  
DC  N3     N N N 52  
DC  C4     C N N 53  
DC  N4     N N N 54  
DC  C5     C N N 55  
DC  C6     C N N 56  
DC  HOP3   H N N 57  
DC  HOP2   H N N 58  
DC  "H5'"  H N N 59  
DC  "H5''" H N N 60  
DC  "H4'"  H N N 61  
DC  "H3'"  H N N 62  
DC  "HO3'" H N N 63  
DC  "H2'"  H N N 64  
DC  "H2''" H N N 65  
DC  "H1'"  H N N 66  
DC  H41    H N N 67  
DC  H42    H N N 68  
DC  H5     H N N 69  
DC  H6     H N N 70  
DG  OP3    O N N 71  
DG  P      P N N 72  
DG  OP1    O N N 73  
DG  OP2    O N N 74  
DG  "O5'"  O N N 75  
DG  "C5'"  C N N 76  
DG  "C4'"  C N R 77  
DG  "O4'"  O N N 78  
DG  "C3'"  C N S 79  
DG  "O3'"  O N N 80  
DG  "C2'"  C N N 81  
DG  "C1'"  C N R 82  
DG  N9     N Y N 83  
DG  C8     C Y N 84  
DG  N7     N Y N 85  
DG  C5     C Y N 86  
DG  C6     C N N 87  
DG  O6     O N N 88  
DG  N1     N N N 89  
DG  C2     C N N 90  
DG  N2     N N N 91  
DG  N3     N N N 92  
DG  C4     C Y N 93  
DG  HOP3   H N N 94  
DG  HOP2   H N N 95  
DG  "H5'"  H N N 96  
DG  "H5''" H N N 97  
DG  "H4'"  H N N 98  
DG  "H3'"  H N N 99  
DG  "HO3'" H N N 100 
DG  "H2'"  H N N 101 
DG  "H2''" H N N 102 
DG  "H1'"  H N N 103 
DG  H8     H N N 104 
DG  H1     H N N 105 
DG  H21    H N N 106 
DG  H22    H N N 107 
DT  OP3    O N N 108 
DT  P      P N N 109 
DT  OP1    O N N 110 
DT  OP2    O N N 111 
DT  "O5'"  O N N 112 
DT  "C5'"  C N N 113 
DT  "C4'"  C N R 114 
DT  "O4'"  O N N 115 
DT  "C3'"  C N S 116 
DT  "O3'"  O N N 117 
DT  "C2'"  C N N 118 
DT  "C1'"  C N R 119 
DT  N1     N N N 120 
DT  C2     C N N 121 
DT  O2     O N N 122 
DT  N3     N N N 123 
DT  C4     C N N 124 
DT  O4     O N N 125 
DT  C5     C N N 126 
DT  C7     C N N 127 
DT  C6     C N N 128 
DT  HOP3   H N N 129 
DT  HOP2   H N N 130 
DT  "H5'"  H N N 131 
DT  "H5''" H N N 132 
DT  "H4'"  H N N 133 
DT  "H3'"  H N N 134 
DT  "HO3'" H N N 135 
DT  "H2'"  H N N 136 
DT  "H2''" H N N 137 
DT  "H1'"  H N N 138 
DT  H3     H N N 139 
DT  H71    H N N 140 
DT  H72    H N N 141 
DT  H73    H N N 142 
DT  H6     H N N 143 
SPM N1     N N N 144 
SPM C2     C N N 145 
SPM C3     C N N 146 
SPM C4     C N N 147 
SPM N5     N N N 148 
SPM C6     C N N 149 
SPM C7     C N N 150 
SPM C8     C N N 151 
SPM C9     C N N 152 
SPM N10    N N N 153 
SPM C11    C N N 154 
SPM C12    C N N 155 
SPM C13    C N N 156 
SPM N14    N N N 157 
SPM HN11   H N N 158 
SPM HN12   H N N 159 
SPM H21    H N N 160 
SPM H22    H N N 161 
SPM H31    H N N 162 
SPM H32    H N N 163 
SPM H41    H N N 164 
SPM H42    H N N 165 
SPM HN5    H N N 166 
SPM H61    H N N 167 
SPM H62    H N N 168 
SPM H71    H N N 169 
SPM H72    H N N 170 
SPM H81    H N N 171 
SPM H82    H N N 172 
SPM H91    H N N 173 
SPM H92    H N N 174 
SPM HN0    H N N 175 
SPM H111   H N N 176 
SPM H112   H N N 177 
SPM H121   H N N 178 
SPM H122   H N N 179 
SPM H131   H N N 180 
SPM H132   H N N 181 
SPM HN41   H N N 182 
SPM HN42   H N N 183 
# 
loop_
_chem_comp_bond.comp_id 
_chem_comp_bond.atom_id_1 
_chem_comp_bond.atom_id_2 
_chem_comp_bond.value_order 
_chem_comp_bond.pdbx_aromatic_flag 
_chem_comp_bond.pdbx_stereo_config 
_chem_comp_bond.pdbx_ordinal 
DA  OP3   P      sing N N 1   
DA  OP3   HOP3   sing N N 2   
DA  P     OP1    doub N N 3   
DA  P     OP2    sing N N 4   
DA  P     "O5'"  sing N N 5   
DA  OP2   HOP2   sing N N 6   
DA  "O5'" "C5'"  sing N N 7   
DA  "C5'" "C4'"  sing N N 8   
DA  "C5'" "H5'"  sing N N 9   
DA  "C5'" "H5''" sing N N 10  
DA  "C4'" "O4'"  sing N N 11  
DA  "C4'" "C3'"  sing N N 12  
DA  "C4'" "H4'"  sing N N 13  
DA  "O4'" "C1'"  sing N N 14  
DA  "C3'" "O3'"  sing N N 15  
DA  "C3'" "C2'"  sing N N 16  
DA  "C3'" "H3'"  sing N N 17  
DA  "O3'" "HO3'" sing N N 18  
DA  "C2'" "C1'"  sing N N 19  
DA  "C2'" "H2'"  sing N N 20  
DA  "C2'" "H2''" sing N N 21  
DA  "C1'" N9     sing N N 22  
DA  "C1'" "H1'"  sing N N 23  
DA  N9    C8     sing Y N 24  
DA  N9    C4     sing Y N 25  
DA  C8    N7     doub Y N 26  
DA  C8    H8     sing N N 27  
DA  N7    C5     sing Y N 28  
DA  C5    C6     sing Y N 29  
DA  C5    C4     doub Y N 30  
DA  C6    N6     sing N N 31  
DA  C6    N1     doub Y N 32  
DA  N6    H61    sing N N 33  
DA  N6    H62    sing N N 34  
DA  N1    C2     sing Y N 35  
DA  C2    N3     doub Y N 36  
DA  C2    H2     sing N N 37  
DA  N3    C4     sing Y N 38  
DC  OP3   P      sing N N 39  
DC  OP3   HOP3   sing N N 40  
DC  P     OP1    doub N N 41  
DC  P     OP2    sing N N 42  
DC  P     "O5'"  sing N N 43  
DC  OP2   HOP2   sing N N 44  
DC  "O5'" "C5'"  sing N N 45  
DC  "C5'" "C4'"  sing N N 46  
DC  "C5'" "H5'"  sing N N 47  
DC  "C5'" "H5''" sing N N 48  
DC  "C4'" "O4'"  sing N N 49  
DC  "C4'" "C3'"  sing N N 50  
DC  "C4'" "H4'"  sing N N 51  
DC  "O4'" "C1'"  sing N N 52  
DC  "C3'" "O3'"  sing N N 53  
DC  "C3'" "C2'"  sing N N 54  
DC  "C3'" "H3'"  sing N N 55  
DC  "O3'" "HO3'" sing N N 56  
DC  "C2'" "C1'"  sing N N 57  
DC  "C2'" "H2'"  sing N N 58  
DC  "C2'" "H2''" sing N N 59  
DC  "C1'" N1     sing N N 60  
DC  "C1'" "H1'"  sing N N 61  
DC  N1    C2     sing N N 62  
DC  N1    C6     sing N N 63  
DC  C2    O2     doub N N 64  
DC  C2    N3     sing N N 65  
DC  N3    C4     doub N N 66  
DC  C4    N4     sing N N 67  
DC  C4    C5     sing N N 68  
DC  N4    H41    sing N N 69  
DC  N4    H42    sing N N 70  
DC  C5    C6     doub N N 71  
DC  C5    H5     sing N N 72  
DC  C6    H6     sing N N 73  
DG  OP3   P      sing N N 74  
DG  OP3   HOP3   sing N N 75  
DG  P     OP1    doub N N 76  
DG  P     OP2    sing N N 77  
DG  P     "O5'"  sing N N 78  
DG  OP2   HOP2   sing N N 79  
DG  "O5'" "C5'"  sing N N 80  
DG  "C5'" "C4'"  sing N N 81  
DG  "C5'" "H5'"  sing N N 82  
DG  "C5'" "H5''" sing N N 83  
DG  "C4'" "O4'"  sing N N 84  
DG  "C4'" "C3'"  sing N N 85  
DG  "C4'" "H4'"  sing N N 86  
DG  "O4'" "C1'"  sing N N 87  
DG  "C3'" "O3'"  sing N N 88  
DG  "C3'" "C2'"  sing N N 89  
DG  "C3'" "H3'"  sing N N 90  
DG  "O3'" "HO3'" sing N N 91  
DG  "C2'" "C1'"  sing N N 92  
DG  "C2'" "H2'"  sing N N 93  
DG  "C2'" "H2''" sing N N 94  
DG  "C1'" N9     sing N N 95  
DG  "C1'" "H1'"  sing N N 96  
DG  N9    C8     sing Y N 97  
DG  N9    C4     sing Y N 98  
DG  C8    N7     doub Y N 99  
DG  C8    H8     sing N N 100 
DG  N7    C5     sing Y N 101 
DG  C5    C6     sing N N 102 
DG  C5    C4     doub Y N 103 
DG  C6    O6     doub N N 104 
DG  C6    N1     sing N N 105 
DG  N1    C2     sing N N 106 
DG  N1    H1     sing N N 107 
DG  C2    N2     sing N N 108 
DG  C2    N3     doub N N 109 
DG  N2    H21    sing N N 110 
DG  N2    H22    sing N N 111 
DG  N3    C4     sing N N 112 
DT  OP3   P      sing N N 113 
DT  OP3   HOP3   sing N N 114 
DT  P     OP1    doub N N 115 
DT  P     OP2    sing N N 116 
DT  P     "O5'"  sing N N 117 
DT  OP2   HOP2   sing N N 118 
DT  "O5'" "C5'"  sing N N 119 
DT  "C5'" "C4'"  sing N N 120 
DT  "C5'" "H5'"  sing N N 121 
DT  "C5'" "H5''" sing N N 122 
DT  "C4'" "O4'"  sing N N 123 
DT  "C4'" "C3'"  sing N N 124 
DT  "C4'" "H4'"  sing N N 125 
DT  "O4'" "C1'"  sing N N 126 
DT  "C3'" "O3'"  sing N N 127 
DT  "C3'" "C2'"  sing N N 128 
DT  "C3'" "H3'"  sing N N 129 
DT  "O3'" "HO3'" sing N N 130 
DT  "C2'" "C1'"  sing N N 131 
DT  "C2'" "H2'"  sing N N 132 
DT  "C2'" "H2''" sing N N 133 
DT  "C1'" N1     sing N N 134 
DT  "C1'" "H1'"  sing N N 135 
DT  N1    C2     sing N N 136 
DT  N1    C6     sing N N 137 
DT  C2    O2     doub N N 138 
DT  C2    N3     sing N N 139 
DT  N3    C4     sing N N 140 
DT  N3    H3     sing N N 141 
DT  C4    O4     doub N N 142 
DT  C4    C5     sing N N 143 
DT  C5    C7     sing N N 144 
DT  C5    C6     doub N N 145 
DT  C7    H71    sing N N 146 
DT  C7    H72    sing N N 147 
DT  C7    H73    sing N N 148 
DT  C6    H6     sing N N 149 
SPM N1    C2     sing N N 150 
SPM N1    HN11   sing N N 151 
SPM N1    HN12   sing N N 152 
SPM C2    C3     sing N N 153 
SPM C2    H21    sing N N 154 
SPM C2    H22    sing N N 155 
SPM C3    C4     sing N N 156 
SPM C3    H31    sing N N 157 
SPM C3    H32    sing N N 158 
SPM C4    N5     sing N N 159 
SPM C4    H41    sing N N 160 
SPM C4    H42    sing N N 161 
SPM N5    C6     sing N N 162 
SPM N5    HN5    sing N N 163 
SPM C6    C7     sing N N 164 
SPM C6    H61    sing N N 165 
SPM C6    H62    sing N N 166 
SPM C7    C8     sing N N 167 
SPM C7    H71    sing N N 168 
SPM C7    H72    sing N N 169 
SPM C8    C9     sing N N 170 
SPM C8    H81    sing N N 171 
SPM C8    H82    sing N N 172 
SPM C9    N10    sing N N 173 
SPM C9    H91    sing N N 174 
SPM C9    H92    sing N N 175 
SPM N10   C11    sing N N 176 
SPM N10   HN0    sing N N 177 
SPM C11   C12    sing N N 178 
SPM C11   H111   sing N N 179 
SPM C11   H112   sing N N 180 
SPM C12   C13    sing N N 181 
SPM C12   H121   sing N N 182 
SPM C12   H122   sing N N 183 
SPM C13   N14    sing N N 184 
SPM C13   H131   sing N N 185 
SPM C13   H132   sing N N 186 
SPM N14   HN41   sing N N 187 
SPM N14   HN42   sing N N 188 
# 
_ndb_struct_conf_na.entry_id   1DNS 
_ndb_struct_conf_na.feature    'a-form double helix' 
# 
loop_
_ndb_struct_na_base_pair.model_number 
_ndb_struct_na_base_pair.i_label_asym_id 
_ndb_struct_na_base_pair.i_label_comp_id 
_ndb_struct_na_base_pair.i_label_seq_id 
_ndb_struct_na_base_pair.i_symmetry 
_ndb_struct_na_base_pair.j_label_asym_id 
_ndb_struct_na_base_pair.j_label_comp_id 
_ndb_struct_na_base_pair.j_label_seq_id 
_ndb_struct_na_base_pair.j_symmetry 
_ndb_struct_na_base_pair.shear 
_ndb_struct_na_base_pair.stretch 
_ndb_struct_na_base_pair.stagger 
_ndb_struct_na_base_pair.buckle 
_ndb_struct_na_base_pair.propeller 
_ndb_struct_na_base_pair.opening 
_ndb_struct_na_base_pair.pair_number 
_ndb_struct_na_base_pair.pair_name 
_ndb_struct_na_base_pair.i_auth_asym_id 
_ndb_struct_na_base_pair.i_auth_seq_id 
_ndb_struct_na_base_pair.i_PDB_ins_code 
_ndb_struct_na_base_pair.j_auth_asym_id 
_ndb_struct_na_base_pair.j_auth_seq_id 
_ndb_struct_na_base_pair.j_PDB_ins_code 
_ndb_struct_na_base_pair.hbond_type_28 
_ndb_struct_na_base_pair.hbond_type_12 
1 A DG 1 1_555 A DC 8 7_555 -0.378 -0.175 -0.048 -11.161 -11.808 -1.866 1 A_DG1:DC8_A A 1 ? A 8 ? 19 1 
1 A DT 2 1_555 A DA 7 7_555 -0.040 -0.047 0.173  -0.764  -10.255 1.125  2 A_DT2:DA7_A A 2 ? A 7 ? 20 1 
1 A DG 3 1_555 A DC 6 7_555 -0.334 -0.201 0.171  -4.570  -13.832 -0.799 3 A_DG3:DC6_A A 3 ? A 6 ? 19 1 
1 A DT 4 1_555 A DA 5 7_555 -0.176 -0.181 0.342  -5.135  -7.670  -4.193 4 A_DT4:DA5_A A 4 ? A 5 ? 20 1 
1 A DA 5 1_555 A DT 4 7_555 0.176  -0.181 0.342  5.135   -7.669  -4.193 5 A_DA5:DT4_A A 5 ? A 4 ? 20 1 
1 A DC 6 1_555 A DG 3 7_555 0.334  -0.201 0.171  4.570   -13.832 -0.799 6 A_DC6:DG3_A A 6 ? A 3 ? 19 1 
1 A DA 7 1_555 A DT 2 7_555 0.040  -0.047 0.173  0.764   -10.255 1.125  7 A_DA7:DT2_A A 7 ? A 2 ? 20 1 
1 A DC 8 1_555 A DG 1 7_555 0.378  -0.175 -0.048 11.161  -11.808 -1.866 8 A_DC8:DG1_A A 8 ? A 1 ? 19 1 
# 
loop_
_ndb_struct_na_base_pair_step.model_number 
_ndb_struct_na_base_pair_step.i_label_asym_id_1 
_ndb_struct_na_base_pair_step.i_label_comp_id_1 
_ndb_struct_na_base_pair_step.i_label_seq_id_1 
_ndb_struct_na_base_pair_step.i_symmetry_1 
_ndb_struct_na_base_pair_step.j_label_asym_id_1 
_ndb_struct_na_base_pair_step.j_label_comp_id_1 
_ndb_struct_na_base_pair_step.j_label_seq_id_1 
_ndb_struct_na_base_pair_step.j_symmetry_1 
_ndb_struct_na_base_pair_step.i_label_asym_id_2 
_ndb_struct_na_base_pair_step.i_label_comp_id_2 
_ndb_struct_na_base_pair_step.i_label_seq_id_2 
_ndb_struct_na_base_pair_step.i_symmetry_2 
_ndb_struct_na_base_pair_step.j_label_asym_id_2 
_ndb_struct_na_base_pair_step.j_label_comp_id_2 
_ndb_struct_na_base_pair_step.j_label_seq_id_2 
_ndb_struct_na_base_pair_step.j_symmetry_2 
_ndb_struct_na_base_pair_step.shift 
_ndb_struct_na_base_pair_step.slide 
_ndb_struct_na_base_pair_step.rise 
_ndb_struct_na_base_pair_step.tilt 
_ndb_struct_na_base_pair_step.roll 
_ndb_struct_na_base_pair_step.twist 
_ndb_struct_na_base_pair_step.x_displacement 
_ndb_struct_na_base_pair_step.y_displacement 
_ndb_struct_na_base_pair_step.helical_rise 
_ndb_struct_na_base_pair_step.inclination 
_ndb_struct_na_base_pair_step.tip 
_ndb_struct_na_base_pair_step.helical_twist 
_ndb_struct_na_base_pair_step.step_number 
_ndb_struct_na_base_pair_step.step_name 
_ndb_struct_na_base_pair_step.i_auth_asym_id_1 
_ndb_struct_na_base_pair_step.i_auth_seq_id_1 
_ndb_struct_na_base_pair_step.i_PDB_ins_code_1 
_ndb_struct_na_base_pair_step.j_auth_asym_id_1 
_ndb_struct_na_base_pair_step.j_auth_seq_id_1 
_ndb_struct_na_base_pair_step.j_PDB_ins_code_1 
_ndb_struct_na_base_pair_step.i_auth_asym_id_2 
_ndb_struct_na_base_pair_step.i_auth_seq_id_2 
_ndb_struct_na_base_pair_step.i_PDB_ins_code_2 
_ndb_struct_na_base_pair_step.j_auth_asym_id_2 
_ndb_struct_na_base_pair_step.j_auth_seq_id_2 
_ndb_struct_na_base_pair_step.j_PDB_ins_code_2 
1 A DG 1 1_555 A DC 8 7_555 A DT 2 1_555 A DA 7 7_555 0.359  -1.248 3.190 -0.764 7.175 32.340 -3.319 -0.750 2.846 12.685 1.350  
33.114 1 AA_DG1DT2:DA7DC8_AA A 1 ? A 8 ? A 2 ? A 7 ? 
1 A DT 2 1_555 A DA 7 7_555 A DG 3 1_555 A DC 6 7_555 0.376  -1.471 3.329 1.729  9.468 28.926 -4.601 -0.387 2.739 18.325 -3.347 
30.453 2 AA_DT2DG3:DC6DA7_AA A 2 ? A 7 ? A 3 ? A 6 ? 
1 A DG 3 1_555 A DC 6 7_555 A DT 4 1_555 A DA 5 7_555 -0.214 -1.524 3.272 -0.626 5.820 36.681 -3.144 0.255  3.007 9.175  0.987  
37.130 3 AA_DG3DT4:DA5DC6_AA A 3 ? A 6 ? A 4 ? A 5 ? 
1 A DT 4 1_555 A DA 5 7_555 A DA 5 1_555 A DT 4 7_555 0.000  -1.421 2.974 0.000  3.020 29.980 -3.280 0.000  2.821 5.820  0.000  
30.128 4 AA_DT4DA5:DT4DA5_AA A 4 ? A 5 ? A 5 ? A 4 ? 
1 A DA 5 1_555 A DT 4 7_555 A DC 6 1_555 A DG 3 7_555 0.214  -1.524 3.272 0.626  5.820 36.681 -3.144 -0.255 3.007 9.175  -0.987 
37.130 5 AA_DA5DC6:DG3DT4_AA A 5 ? A 4 ? A 6 ? A 3 ? 
1 A DC 6 1_555 A DG 3 7_555 A DA 7 1_555 A DT 2 7_555 -0.376 -1.471 3.329 -1.729 9.468 28.926 -4.601 0.387  2.739 18.325 3.347  
30.453 6 AA_DC6DA7:DT2DG3_AA A 6 ? A 3 ? A 7 ? A 2 ? 
1 A DA 7 1_555 A DT 2 7_555 A DC 8 1_555 A DG 1 7_555 -0.359 -1.248 3.190 0.764  7.175 32.340 -3.319 0.750  2.846 12.685 -1.350 
33.114 7 AA_DA7DC8:DG1DT2_AA A 7 ? A 2 ? A 8 ? A 1 ? 
# 
_atom_sites.entry_id                    1DNS 
_atom_sites.fract_transf_matrix[1][1]   0.01289591 
_atom_sites.fract_transf_matrix[1][2]   0.00466533 
_atom_sites.fract_transf_matrix[1][3]   -0.01916718 
_atom_sites.fract_transf_matrix[2][1]   -0.00198566 
_atom_sites.fract_transf_matrix[2][2]   0.02309011 
_atom_sites.fract_transf_matrix[2][3]   0.00428420 
_atom_sites.fract_transf_matrix[3][1]   0.03364702 
_atom_sites.fract_transf_matrix[3][2]   -0.00125036 
_atom_sites.fract_transf_matrix[3][3]   0.02233379 
_atom_sites.fract_transf_vector[1]      0.737898 
_atom_sites.fract_transf_vector[2]      0.718893 
_atom_sites.fract_transf_vector[3]      0.087921 
# 
loop_
_atom_type.symbol 
C 
N 
O 
P 
# 
loop_
_atom_site.group_PDB 
_atom_site.id 
_atom_site.type_symbol 
_atom_site.label_atom_id 
_atom_site.label_alt_id 
_atom_site.label_comp_id 
_atom_site.label_asym_id 
_atom_site.label_entity_id 
_atom_site.label_seq_id 
_atom_site.pdbx_PDB_ins_code 
_atom_site.Cartn_x 
_atom_site.Cartn_y 
_atom_site.Cartn_z 
_atom_site.occupancy 
_atom_site.B_iso_or_equiv 
_atom_site.pdbx_formal_charge 
_atom_site.auth_seq_id 
_atom_site.auth_comp_id 
_atom_site.auth_asym_id 
_atom_site.auth_atom_id 
_atom_site.pdbx_PDB_model_num 
ATOM   1   O "O5'" . DG  A 1 1 ? -7.118 -11.294 -3.772 1.00 23.90 ? 1 DG  A "O5'" 1 
ATOM   2   C "C5'" . DG  A 1 1 ? -6.981 -12.710 -4.008 1.00 34.36 ? 1 DG  A "C5'" 1 
ATOM   3   C "C4'" . DG  A 1 1 ? -5.649 -12.938 -4.711 1.00 24.31 ? 1 DG  A "C4'" 1 
ATOM   4   O "O4'" . DG  A 1 1 ? -5.761 -12.523 -6.063 1.00 26.83 ? 1 DG  A "O4'" 1 
ATOM   5   C "C3'" . DG  A 1 1 ? -4.444 -12.188 -4.156 1.00 21.35 ? 1 DG  A "C3'" 1 
ATOM   6   O "O3'" . DG  A 1 1 ? -3.822 -12.786 -3.027 1.00 22.57 ? 1 DG  A "O3'" 1 
ATOM   7   C "C2'" . DG  A 1 1 ? -3.474 -12.242 -5.353 1.00 21.78 ? 1 DG  A "C2'" 1 
ATOM   8   C "C1'" . DG  A 1 1 ? -4.458 -12.089 -6.490 1.00 25.10 ? 1 DG  A "C1'" 1 
ATOM   9   N N9    . DG  A 1 1 ? -4.624 -10.673 -6.851 1.00 20.14 ? 1 DG  A N9    1 
ATOM   10  C C8    . DG  A 1 1 ? -5.677 -9.852  -6.557 1.00 20.77 ? 1 DG  A C8    1 
ATOM   11  N N7    . DG  A 1 1 ? -5.524 -8.642  -7.036 1.00 16.84 ? 1 DG  A N7    1 
ATOM   12  C C5    . DG  A 1 1 ? -4.316 -8.700  -7.724 1.00 22.00 ? 1 DG  A C5    1 
ATOM   13  C C6    . DG  A 1 1 ? -3.584 -7.714  -8.426 1.00 24.25 ? 1 DG  A C6    1 
ATOM   14  O O6    . DG  A 1 1 ? -3.986 -6.576  -8.633 1.00 23.34 ? 1 DG  A O6    1 
ATOM   15  N N1    . DG  A 1 1 ? -2.375 -8.149  -8.950 1.00 20.12 ? 1 DG  A N1    1 
ATOM   16  C C2    . DG  A 1 1 ? -1.932 -9.418  -8.767 1.00 19.95 ? 1 DG  A C2    1 
ATOM   17  N N2    . DG  A 1 1 ? -0.748 -9.712  -9.294 1.00 23.24 ? 1 DG  A N2    1 
ATOM   18  N N3    . DG  A 1 1 ? -2.554 -10.364 -8.085 1.00 23.68 ? 1 DG  A N3    1 
ATOM   19  C C4    . DG  A 1 1 ? -3.732 -9.926  -7.588 1.00 20.39 ? 1 DG  A C4    1 
ATOM   20  P P     . DT  A 1 2 ? -3.017 -12.033 -1.834 1.00 27.37 ? 2 DT  A P     1 
ATOM   21  O OP1   . DT  A 1 2 ? -2.968 -12.968 -0.692 1.00 31.42 ? 2 DT  A OP1   1 
ATOM   22  O OP2   . DT  A 1 2 ? -3.949 -10.907 -1.424 1.00 25.69 ? 2 DT  A OP2   1 
ATOM   23  O "O5'" . DT  A 1 2 ? -1.717 -11.380 -2.485 1.00 27.89 ? 2 DT  A "O5'" 1 
ATOM   24  C "C5'" . DT  A 1 2 ? -0.647 -12.344 -2.746 1.00 29.70 ? 2 DT  A "C5'" 1 
ATOM   25  C "C4'" . DT  A 1 2 ? 0.386  -11.588 -3.537 1.00 27.56 ? 2 DT  A "C4'" 1 
ATOM   26  O "O4'" . DT  A 1 2 ? -0.184 -11.112 -4.733 1.00 32.42 ? 2 DT  A "O4'" 1 
ATOM   27  C "C3'" . DT  A 1 2 ? 0.929  -10.327 -2.870 1.00 37.79 ? 2 DT  A "C3'" 1 
ATOM   28  O "O3'" . DT  A 1 2 ? 1.909  -10.581 -1.865 1.00 33.75 ? 2 DT  A "O3'" 1 
ATOM   29  C "C2'" . DT  A 1 2 ? 1.489  -9.548  -4.076 1.00 26.59 ? 2 DT  A "C2'" 1 
ATOM   30  C "C1'" . DT  A 1 2 ? 0.440  -9.864  -5.125 1.00 24.97 ? 2 DT  A "C1'" 1 
ATOM   31  N N1    . DT  A 1 2 ? -0.539 -8.777  -5.206 1.00 24.50 ? 2 DT  A N1    1 
ATOM   32  C C2    . DT  A 1 2 ? -0.195 -7.676  -5.985 1.00 30.19 ? 2 DT  A C2    1 
ATOM   33  O O2    . DT  A 1 2 ? 0.890  -7.631  -6.569 1.00 26.26 ? 2 DT  A O2    1 
ATOM   34  N N3    . DT  A 1 2 ? -1.105 -6.643  -6.095 1.00 21.94 ? 2 DT  A N3    1 
ATOM   35  C C4    . DT  A 1 2 ? -2.282 -6.656  -5.425 1.00 22.05 ? 2 DT  A C4    1 
ATOM   36  O O4    . DT  A 1 2 ? -3.015 -5.631  -5.544 1.00 22.97 ? 2 DT  A O4    1 
ATOM   37  C C5    . DT  A 1 2 ? -2.612 -7.799  -4.621 1.00 23.37 ? 2 DT  A C5    1 
ATOM   38  C C7    . DT  A 1 2 ? -3.917 -7.890  -3.872 1.00 23.81 ? 2 DT  A C7    1 
ATOM   39  C C6    . DT  A 1 2 ? -1.719 -8.793  -4.522 1.00 23.35 ? 2 DT  A C6    1 
ATOM   40  P P     . DG  A 1 3 ? 2.131  -9.406  -0.746 1.00 39.43 ? 3 DG  A P     1 
ATOM   41  O OP1   . DG  A 1 3 ? 2.984  -10.208 0.175  1.00 37.32 ? 3 DG  A OP1   1 
ATOM   42  O OP2   . DG  A 1 3 ? 0.829  -8.926  -0.221 1.00 34.24 ? 3 DG  A OP2   1 
ATOM   43  O "O5'" . DG  A 1 3 ? 2.874  -8.272  -1.587 1.00 32.36 ? 3 DG  A "O5'" 1 
ATOM   44  C "C5'" . DG  A 1 3 ? 4.315  -8.250  -1.735 1.00 35.71 ? 3 DG  A "C5'" 1 
ATOM   45  C "C4'" . DG  A 1 3 ? 4.627  -7.166  -2.743 1.00 38.32 ? 3 DG  A "C4'" 1 
ATOM   46  O "O4'" . DG  A 1 3 ? 3.630  -7.113  -3.750 1.00 32.04 ? 3 DG  A "O4'" 1 
ATOM   47  C "C3'" . DG  A 1 3 ? 4.650  -5.766  -2.131 1.00 39.64 ? 3 DG  A "C3'" 1 
ATOM   48  O "O3'" . DG  A 1 3 ? 5.864  -5.556  -1.419 1.00 36.99 ? 3 DG  A "O3'" 1 
ATOM   49  C "C2'" . DG  A 1 3 ? 4.432  -4.892  -3.368 1.00 31.44 ? 3 DG  A "C2'" 1 
ATOM   50  C "C1'" . DG  A 1 3 ? 3.460  -5.758  -4.171 1.00 29.62 ? 3 DG  A "C1'" 1 
ATOM   51  N N9    . DG  A 1 3 ? 2.086  -5.272  -3.950 1.00 20.58 ? 3 DG  A N9    1 
ATOM   52  C C8    . DG  A 1 3 ? 1.045  -5.771  -3.211 1.00 24.05 ? 3 DG  A C8    1 
ATOM   53  N N7    . DG  A 1 3 ? -0.038 -5.035  -3.248 1.00 26.42 ? 3 DG  A N7    1 
ATOM   54  C C5    . DG  A 1 3 ? 0.309  -3.965  -4.065 1.00 21.55 ? 3 DG  A C5    1 
ATOM   55  C C6    . DG  A 1 3 ? -0.425 -2.835  -4.502 1.00 20.96 ? 3 DG  A C6    1 
ATOM   56  O O6    . DG  A 1 3 ? -1.614 -2.583  -4.193 1.00 25.88 ? 3 DG  A O6    1 
ATOM   57  N N1    . DG  A 1 3 ? 0.302  -1.979  -5.282 1.00 20.72 ? 3 DG  A N1    1 
ATOM   58  C C2    . DG  A 1 3 ? 1.600  -2.208  -5.633 1.00 25.56 ? 3 DG  A C2    1 
ATOM   59  N N2    . DG  A 1 3 ? 2.247  -1.361  -6.400 1.00 24.45 ? 3 DG  A N2    1 
ATOM   60  N N3    . DG  A 1 3 ? 2.327  -3.259  -5.279 1.00 18.60 ? 3 DG  A N3    1 
ATOM   61  C C4    . DG  A 1 3 ? 1.610  -4.095  -4.488 1.00 22.95 ? 3 DG  A C4    1 
ATOM   62  P P     . DT  A 1 4 ? 6.286  -4.330  -0.450 1.00 40.35 ? 4 DT  A P     1 
ATOM   63  O OP1   . DT  A 1 4 ? 7.867  -4.453  -0.408 1.00 46.98 ? 4 DT  A OP1   1 
ATOM   64  O OP2   . DT  A 1 4 ? 5.623  -4.565  0.737  1.00 31.27 ? 4 DT  A OP2   1 
ATOM   65  O "O5'" . DT  A 1 4 ? 6.178  -3.017  -1.346 1.00 30.96 ? 4 DT  A "O5'" 1 
ATOM   66  C "C5'" . DT  A 1 4 ? 7.055  -2.779  -2.456 1.00 37.34 ? 4 DT  A "C5'" 1 
ATOM   67  C "C4'" . DT  A 1 4 ? 6.724  -1.356  -2.881 1.00 38.58 ? 4 DT  A "C4'" 1 
ATOM   68  O "O4'" . DT  A 1 4 ? 5.488  -1.364  -3.573 1.00 31.08 ? 4 DT  A "O4'" 1 
ATOM   69  C "C3'" . DT  A 1 4 ? 6.550  -0.347  -1.771 1.00 28.39 ? 4 DT  A "C3'" 1 
ATOM   70  O "O3'" . DT  A 1 4 ? 7.803  0.262   -1.385 1.00 34.17 ? 4 DT  A "O3'" 1 
ATOM   71  C "C2'" . DT  A 1 4 ? 5.598  0.695   -2.388 1.00 22.11 ? 4 DT  A "C2'" 1 
ATOM   72  C "C1'" . DT  A 1 4 ? 4.747  -0.156  -3.329 1.00 29.38 ? 4 DT  A "C1'" 1 
ATOM   73  N N1    . DT  A 1 4 ? 3.414  -0.496  -2.790 1.00 16.71 ? 4 DT  A N1    1 
ATOM   74  C C2    . DT  A 1 4 ? 2.387  0.387   -3.100 1.00 22.53 ? 4 DT  A C2    1 
ATOM   75  O O2    . DT  A 1 4 ? 2.668  1.394   -3.755 1.00 26.23 ? 4 DT  A O2    1 
ATOM   76  N N3    . DT  A 1 4 ? 1.114  0.119   -2.645 1.00 16.57 ? 4 DT  A N3    1 
ATOM   77  C C4    . DT  A 1 4 ? 0.840  -1.019  -1.962 1.00 14.04 ? 4 DT  A C4    1 
ATOM   78  O O4    . DT  A 1 4 ? -0.328 -1.298  -1.564 1.00 16.99 ? 4 DT  A O4    1 
ATOM   79  C C5    . DT  A 1 4 ? 1.900  -1.937  -1.656 1.00 14.71 ? 4 DT  A C5    1 
ATOM   80  C C7    . DT  A 1 4 ? 1.520  -3.173  -0.865 1.00 16.54 ? 4 DT  A C7    1 
ATOM   81  C C6    . DT  A 1 4 ? 3.124  -1.663  -2.127 1.00 22.46 ? 4 DT  A C6    1 
ATOM   82  P P     . DA  A 1 5 ? 7.855  1.142   -0.040 1.00 30.28 ? 5 DA  A P     1 
ATOM   83  O OP1   . DA  A 1 5 ? 9.370  1.435   -0.008 1.00 39.86 ? 5 DA  A OP1   1 
ATOM   84  O OP2   . DA  A 1 5 ? 7.317  0.676   1.175  1.00 33.01 ? 5 DA  A OP2   1 
ATOM   85  O "O5'" . DA  A 1 5 ? 7.258  2.576   -0.505 1.00 32.09 ? 5 DA  A "O5'" 1 
ATOM   86  C "C5'" . DA  A 1 5 ? 6.388  3.364   0.328  1.00 22.99 ? 5 DA  A "C5'" 1 
ATOM   87  C "C4'" . DA  A 1 5 ? 5.714  4.354   -0.605 1.00 24.54 ? 5 DA  A "C4'" 1 
ATOM   88  O "O4'" . DA  A 1 5 ? 4.822  3.717   -1.501 1.00 19.29 ? 5 DA  A "O4'" 1 
ATOM   89  C "C3'" . DA  A 1 5 ? 4.871  5.349   0.177  1.00 22.05 ? 5 DA  A "C3'" 1 
ATOM   90  O "O3'" . DA  A 1 5 ? 5.673  6.434   0.652  1.00 22.89 ? 5 DA  A "O3'" 1 
ATOM   91  C "C2'" . DA  A 1 5 ? 3.800  5.736   -0.841 1.00 11.44 ? 5 DA  A "C2'" 1 
ATOM   92  C "C1'" . DA  A 1 5 ? 3.533  4.398   -1.482 1.00 21.21 ? 5 DA  A "C1'" 1 
ATOM   93  N N9    . DA  A 1 5 ? 2.583  3.487   -0.809 1.00 18.05 ? 5 DA  A N9    1 
ATOM   94  C C8    . DA  A 1 5 ? 2.845  2.278   -0.197 1.00 18.46 ? 5 DA  A C8    1 
ATOM   95  N N7    . DA  A 1 5 ? 1.770  1.644   0.245  1.00 16.31 ? 5 DA  A N7    1 
ATOM   96  C C5    . DA  A 1 5 ? 0.732  2.506   -0.139 1.00 15.27 ? 5 DA  A C5    1 
ATOM   97  C C6    . DA  A 1 5 ? -0.666 2.391   -0.007 1.00 19.45 ? 5 DA  A C6    1 
ATOM   98  N N6    . DA  A 1 5 ? -1.266 1.394   0.651  1.00 20.97 ? 5 DA  A N6    1 
ATOM   99  N N1    . DA  A 1 5 ? -1.390 3.423   -0.513 1.00 20.77 ? 5 DA  A N1    1 
ATOM   100 C C2    . DA  A 1 5 ? -0.806 4.471   -1.128 1.00 19.38 ? 5 DA  A C2    1 
ATOM   101 N N3    . DA  A 1 5 ? 0.502  4.633   -1.325 1.00 17.58 ? 5 DA  A N3    1 
ATOM   102 C C4    . DA  A 1 5 ? 1.214  3.629   -0.763 1.00 24.56 ? 5 DA  A C4    1 
ATOM   103 P P     . DC  A 1 6 ? 5.372  7.146   2.021  1.00 26.03 ? 6 DC  A P     1 
ATOM   104 O OP1   . DC  A 1 6 ? 6.499  8.166   2.093  1.00 31.23 ? 6 DC  A OP1   1 
ATOM   105 O OP2   . DC  A 1 6 ? 5.267  6.084   2.985  1.00 20.79 ? 6 DC  A OP2   1 
ATOM   106 O "O5'" . DC  A 1 6 ? 4.022  8.002   2.009  1.00 18.93 ? 6 DC  A "O5'" 1 
ATOM   107 C "C5'" . DC  A 1 6 ? 3.775  8.959   0.938  1.00 17.51 ? 6 DC  A "C5'" 1 
ATOM   108 C "C4'" . DC  A 1 6 ? 2.267  9.189   0.918  1.00 19.94 ? 6 DC  A "C4'" 1 
ATOM   109 O "O4'" . DC  A 1 6 ? 1.575  8.048   0.446  1.00 20.54 ? 6 DC  A "O4'" 1 
ATOM   110 C "C3'" . DC  A 1 6 ? 1.639  9.409   2.287  1.00 22.24 ? 6 DC  A "C3'" 1 
ATOM   111 O "O3'" . DC  A 1 6 ? 1.809  10.736  2.845  1.00 26.15 ? 6 DC  A "O3'" 1 
ATOM   112 C "C2'" . DC  A 1 6 ? 0.155  9.135   2.005  1.00 23.46 ? 6 DC  A "C2'" 1 
ATOM   113 C "C1'" . DC  A 1 6 ? 0.266  7.967   1.069  1.00 17.76 ? 6 DC  A "C1'" 1 
ATOM   114 N N1    . DC  A 1 6 ? 0.191  6.648   1.721  1.00 18.51 ? 6 DC  A N1    1 
ATOM   115 C C2    . DC  A 1 6 ? -1.084 6.154   1.927  1.00 21.89 ? 6 DC  A C2    1 
ATOM   116 O O2    . DC  A 1 6 ? -2.055 6.870   1.630  1.00 25.51 ? 6 DC  A O2    1 
ATOM   117 N N3    . DC  A 1 6 ? -1.206 4.901   2.484  1.00 16.80 ? 6 DC  A N3    1 
ATOM   118 C C4    . DC  A 1 6 ? -0.111 4.162   2.795  1.00 19.61 ? 6 DC  A C4    1 
ATOM   119 N N4    . DC  A 1 6 ? -0.235 2.935   3.306  1.00 21.85 ? 6 DC  A N4    1 
ATOM   120 C C5    . DC  A 1 6 ? 1.202  4.677   2.543  1.00 20.01 ? 6 DC  A C5    1 
ATOM   121 C C6    . DC  A 1 6 ? 1.293  5.903   1.999  1.00 18.43 ? 6 DC  A C6    1 
ATOM   122 P P     . DA  A 1 7 ? 1.695  10.876  4.377  1.00 28.67 ? 7 DA  A P     1 
ATOM   123 O OP1   . DA  A 1 7 ? 2.191  12.189  4.692  1.00 28.95 ? 7 DA  A OP1   1 
ATOM   124 O OP2   . DA  A 1 7 ? 2.233  9.788   5.211  1.00 21.32 ? 7 DA  A OP2   1 
ATOM   125 O "O5'" . DA  A 1 7 ? 0.042  10.755  4.775  1.00 23.46 ? 7 DA  A "O5'" 1 
ATOM   126 C "C5'" . DA  A 1 7 ? -0.757 11.850  4.243  1.00 22.03 ? 7 DA  A "C5'" 1 
ATOM   127 C "C4'" . DA  A 1 7 ? -2.181 11.486  4.657  1.00 21.54 ? 7 DA  A "C4'" 1 
ATOM   128 O "O4'" . DA  A 1 7 ? -2.467 10.237  4.114  1.00 23.11 ? 7 DA  A "O4'" 1 
ATOM   129 C "C3'" . DA  A 1 7 ? -2.424 11.306  6.146  1.00 13.84 ? 7 DA  A "C3'" 1 
ATOM   130 O "O3'" . DA  A 1 7 ? -2.788 12.563  6.739  1.00 25.74 ? 7 DA  A "O3'" 1 
ATOM   131 C "C2'" . DA  A 1 7 ? -3.526 10.269  6.227  1.00 26.65 ? 7 DA  A "C2'" 1 
ATOM   132 C "C1'" . DA  A 1 7 ? -3.278 9.448   4.983  1.00 25.38 ? 7 DA  A "C1'" 1 
ATOM   133 N N9    . DA  A 1 7 ? -2.581 8.172   5.272  1.00 23.62 ? 7 DA  A N9    1 
ATOM   134 C C8    . DA  A 1 7 ? -1.267 7.843   5.105  1.00 20.60 ? 7 DA  A C8    1 
ATOM   135 N N7    . DA  A 1 7 ? -1.048 6.581   5.430  1.00 20.16 ? 7 DA  A N7    1 
ATOM   136 C C5    . DA  A 1 7 ? -2.259 6.058   5.798  1.00 21.07 ? 7 DA  A C5    1 
ATOM   137 C C6    . DA  A 1 7 ? -2.641 4.761   6.237  1.00 19.64 ? 7 DA  A C6    1 
ATOM   138 N N6    . DA  A 1 7 ? -1.844 3.702   6.343  1.00 19.55 ? 7 DA  A N6    1 
ATOM   139 N N1    . DA  A 1 7 ? -3.964 4.626   6.489  1.00 20.19 ? 7 DA  A N1    1 
ATOM   140 C C2    . DA  A 1 7 ? -4.843 5.656   6.367  1.00 20.09 ? 7 DA  A C2    1 
ATOM   141 N N3    . DA  A 1 7 ? -4.539 6.895   5.970  1.00 24.83 ? 7 DA  A N3    1 
ATOM   142 C C4    . DA  A 1 7 ? -3.230 7.024   5.694  1.00 17.69 ? 7 DA  A C4    1 
ATOM   143 P P     . DC  A 1 8 ? -2.546 12.705  8.330  1.00 34.83 ? 8 DC  A P     1 
ATOM   144 O OP1   . DC  A 1 8 ? -2.901 14.240  8.458  1.00 37.09 ? 8 DC  A OP1   1 
ATOM   145 O OP2   . DC  A 1 8 ? -1.070 12.406  8.409  1.00 31.85 ? 8 DC  A OP2   1 
ATOM   146 O "O5'" . DC  A 1 8 ? -3.554 11.857  9.093  1.00 36.55 ? 8 DC  A "O5'" 1 
ATOM   147 C "C5'" . DC  A 1 8 ? -4.965 12.151  9.096  1.00 36.11 ? 8 DC  A "C5'" 1 
ATOM   148 C "C4'" . DC  A 1 8 ? -5.724 11.068  9.841  1.00 34.59 ? 8 DC  A "C4'" 1 
ATOM   149 O "O4'" . DC  A 1 8 ? -5.572 9.831   9.158  1.00 37.55 ? 8 DC  A "O4'" 1 
ATOM   150 C "C3'" . DC  A 1 8 ? -5.285 10.823  11.271 1.00 35.59 ? 8 DC  A "C3'" 1 
ATOM   151 O "O3'" . DC  A 1 8 ? -6.214 11.353  12.232 1.00 46.30 ? 8 DC  A "O3'" 1 
ATOM   152 C "C2'" . DC  A 1 8 ? -5.264 9.323   11.479 1.00 34.98 ? 8 DC  A "C2'" 1 
ATOM   153 C "C1'" . DC  A 1 8 ? -5.469 8.767   10.085 1.00 32.43 ? 8 DC  A "C1'" 1 
ATOM   154 N N1    . DC  A 1 8 ? -4.285 7.909   9.821  1.00 29.56 ? 8 DC  A N1    1 
ATOM   155 C C2    . DC  A 1 8 ? -4.523 6.563   10.006 1.00 22.35 ? 8 DC  A C2    1 
ATOM   156 O O2    . DC  A 1 8 ? -5.634 6.172   10.337 1.00 21.14 ? 8 DC  A O2    1 
ATOM   157 N N3    . DC  A 1 8 ? -3.481 5.700   9.799  1.00 27.10 ? 8 DC  A N3    1 
ATOM   158 C C4    . DC  A 1 8 ? -2.243 6.141   9.418  1.00 19.20 ? 8 DC  A C4    1 
ATOM   159 N N4    . DC  A 1 8 ? -1.247 5.260   9.211  1.00 24.26 ? 8 DC  A N4    1 
ATOM   160 C C5    . DC  A 1 8 ? -2.044 7.512   9.239  1.00 25.39 ? 8 DC  A C5    1 
ATOM   161 C C6    . DC  A 1 8 ? -3.062 8.365   9.472  1.00 26.37 ? 8 DC  A C6    1 
HETATM 162 N N1    . SPM B 2 . ? -5.201 -4.233  -4.622 1.00 46.25 ? 9 SPM A N1    1 
HETATM 163 C C2    . SPM B 2 . ? -3.812 -3.784  -4.132 1.00 40.05 ? 9 SPM A C2    1 
HETATM 164 C C3    . SPM B 2 . ? -3.607 -3.953  -2.637 1.00 42.31 ? 9 SPM A C3    1 
HETATM 165 C C4    . SPM B 2 . ? -2.477 -4.947  -2.260 1.00 46.05 ? 9 SPM A C4    1 
HETATM 166 N N5    . SPM B 2 . ? -2.036 -4.575  -0.813 1.00 50.98 ? 9 SPM A N5    1 
HETATM 167 C C6    . SPM B 2 . ? -1.943 -3.024  -0.754 1.00 45.32 ? 9 SPM A C6    1 
HETATM 168 C C7    . SPM B 2 . ? -2.340 -2.428  0.585  1.00 44.38 ? 9 SPM A C7    1 
# 
